data_5LD9
#
_entry.id   5LD9
#
_cell.length_a   34.202
_cell.length_b   37.147
_cell.length_c   60.131
_cell.angle_alpha   97.29
_cell.angle_beta   104.18
_cell.angle_gamma   100.07
#
_symmetry.space_group_name_H-M   'P 1'
#
loop_
_entity.id
_entity.type
_entity.pdbx_description
1 polymer JAMM1
2 non-polymer 'ZINC ION'
3 non-polymer 'CHLORIDE ION'
4 water water
#
_entity_poly.entity_id   1
_entity_poly.type   'polypeptide(L)'
_entity_poly.pdbx_seq_one_letter_code
;MPSSSKSDFSFSTLIIPQHYLRAILKVVSSSSVEVCGFLFGKENRVLKVRFIRNRLNSPVEFEMDPEEMLKALEEAEQEN
LEVVGIFHSHIACPPIPSGKDLEGMKRWPVIWLIVNEKGEYKAWILSEKNKISEVKIVVE
;
_entity_poly.pdbx_strand_id   A,B
#
# COMPACT_ATOMS: atom_id res chain seq x y z
N SER A 12 13.36 -12.24 -7.15
CA SER A 12 12.71 -13.52 -7.43
C SER A 12 11.93 -13.46 -8.74
N THR A 13 11.51 -14.64 -9.19
CA THR A 13 10.66 -14.80 -10.36
C THR A 13 9.54 -15.78 -10.01
N LEU A 14 8.31 -15.46 -10.43
CA LEU A 14 7.17 -16.33 -10.19
C LEU A 14 6.71 -16.88 -11.54
N ILE A 15 6.71 -18.20 -11.68
CA ILE A 15 6.27 -18.85 -12.91
C ILE A 15 4.90 -19.46 -12.66
N ILE A 16 3.90 -18.97 -13.39
CA ILE A 16 2.53 -19.43 -13.18
C ILE A 16 1.96 -19.88 -14.53
N PRO A 17 1.32 -21.05 -14.61
CA PRO A 17 0.67 -21.45 -15.86
C PRO A 17 -0.42 -20.48 -16.28
N GLN A 18 -0.59 -20.31 -17.59
CA GLN A 18 -1.50 -19.30 -18.09
C GLN A 18 -2.95 -19.60 -17.69
N HIS A 19 -3.35 -20.87 -17.73
CA HIS A 19 -4.74 -21.18 -17.40
C HIS A 19 -5.03 -21.03 -15.91
N TYR A 20 -4.01 -21.12 -15.05
CA TYR A 20 -4.21 -20.82 -13.63
C TYR A 20 -4.39 -19.33 -13.40
N LEU A 21 -3.54 -18.50 -14.02
CA LEU A 21 -3.69 -17.06 -13.85
C LEU A 21 -5.02 -16.59 -14.42
N ARG A 22 -5.39 -17.10 -15.60
CA ARG A 22 -6.68 -16.75 -16.19
C ARG A 22 -7.82 -17.10 -15.25
N ALA A 23 -7.76 -18.28 -14.63
CA ALA A 23 -8.83 -18.68 -13.72
C ALA A 23 -8.94 -17.71 -12.55
N ILE A 24 -7.80 -17.33 -11.95
CA ILE A 24 -7.83 -16.37 -10.84
C ILE A 24 -8.47 -15.06 -11.30
N LEU A 25 -8.04 -14.55 -12.45
CA LEU A 25 -8.52 -13.24 -12.89
C LEU A 25 -10.01 -13.26 -13.19
N LYS A 26 -10.51 -14.36 -13.76
CA LYS A 26 -11.93 -14.42 -14.09
C LYS A 26 -12.79 -14.62 -12.85
N VAL A 27 -12.30 -15.35 -11.85
CA VAL A 27 -13.01 -15.40 -10.56
C VAL A 27 -13.07 -14.01 -9.95
N VAL A 28 -11.94 -13.30 -9.98
CA VAL A 28 -11.89 -11.95 -9.43
C VAL A 28 -12.85 -11.04 -10.17
N SER A 29 -12.95 -11.20 -11.49
CA SER A 29 -13.83 -10.31 -12.26
C SER A 29 -15.27 -10.43 -11.79
N SER A 30 -15.68 -11.61 -11.32
CA SER A 30 -17.06 -11.87 -10.94
C SER A 30 -17.33 -11.66 -9.46
N SER A 31 -16.31 -11.32 -8.67
CA SER A 31 -16.42 -11.31 -7.22
C SER A 31 -16.61 -9.88 -6.70
N SER A 32 -17.47 -9.75 -5.69
CA SER A 32 -17.71 -8.46 -5.05
C SER A 32 -16.87 -8.23 -3.80
N VAL A 33 -16.07 -9.23 -3.40
CA VAL A 33 -15.15 -9.12 -2.26
C VAL A 33 -13.76 -9.54 -2.72
N GLU A 34 -12.76 -9.20 -1.90
CA GLU A 34 -11.41 -9.65 -2.19
C GLU A 34 -11.36 -11.18 -2.13
N VAL A 35 -10.67 -11.76 -3.11
CA VAL A 35 -10.43 -13.20 -3.22
C VAL A 35 -9.05 -13.47 -2.64
N CYS A 36 -8.85 -14.66 -2.10
CA CYS A 36 -7.54 -14.99 -1.52
C CYS A 36 -7.33 -16.50 -1.60
N GLY A 37 -6.06 -16.90 -1.53
CA GLY A 37 -5.74 -18.31 -1.53
C GLY A 37 -4.25 -18.55 -1.56
N PHE A 38 -3.89 -19.82 -1.76
CA PHE A 38 -2.51 -20.26 -1.81
C PHE A 38 -2.11 -20.61 -3.25
N LEU A 39 -0.86 -20.32 -3.57
CA LEU A 39 -0.18 -20.89 -4.73
C LEU A 39 0.74 -21.98 -4.20
N PHE A 40 0.39 -23.23 -4.50
CA PHE A 40 1.22 -24.35 -4.09
C PHE A 40 2.07 -24.79 -5.27
N GLY A 41 3.24 -25.34 -4.97
CA GLY A 41 4.10 -25.81 -6.05
C GLY A 41 5.46 -26.27 -5.55
N LYS A 42 6.47 -26.03 -6.38
CA LYS A 42 7.86 -26.40 -6.11
C LYS A 42 8.75 -25.26 -6.56
N GLU A 43 9.70 -24.87 -5.71
CA GLU A 43 10.63 -23.80 -6.02
C GLU A 43 9.82 -22.57 -6.36
N ASN A 44 9.95 -21.99 -7.55
CA ASN A 44 9.22 -20.77 -7.92
C ASN A 44 8.09 -21.06 -8.91
N ARG A 45 7.68 -22.33 -9.04
CA ARG A 45 6.69 -22.73 -10.03
C ARG A 45 5.37 -23.06 -9.36
N VAL A 46 4.31 -22.36 -9.79
CA VAL A 46 2.96 -22.66 -9.32
C VAL A 46 2.50 -23.97 -9.96
N LEU A 47 2.06 -24.91 -9.13
CA LEU A 47 1.51 -26.17 -9.60
C LEU A 47 0.06 -26.38 -9.21
N LYS A 48 -0.47 -25.62 -8.26
CA LYS A 48 -1.83 -25.81 -7.80
C LYS A 48 -2.30 -24.50 -7.18
N VAL A 49 -3.52 -24.09 -7.52
CA VAL A 49 -4.15 -22.91 -6.95
C VAL A 49 -5.27 -23.38 -6.03
N ARG A 50 -5.31 -22.84 -4.81
CA ARG A 50 -6.30 -23.23 -3.81
C ARG A 50 -6.95 -21.95 -3.28
N PHE A 51 -8.21 -21.73 -3.65
CA PHE A 51 -8.94 -20.59 -3.10
C PHE A 51 -9.34 -20.89 -1.66
N ILE A 52 -9.30 -19.85 -0.83
CA ILE A 52 -9.65 -19.93 0.58
C ILE A 52 -10.65 -18.82 0.88
N ARG A 53 -11.68 -19.14 1.66
CA ARG A 53 -12.70 -18.14 1.97
C ARG A 53 -12.07 -16.92 2.63
N ASN A 54 -12.53 -15.74 2.20
CA ASN A 54 -12.17 -14.49 2.84
C ASN A 54 -13.14 -14.28 4.00
N ARG A 55 -12.68 -14.59 5.22
CA ARG A 55 -13.58 -14.53 6.37
C ARG A 55 -14.04 -13.12 6.69
N LEU A 56 -13.40 -12.11 6.09
CA LEU A 56 -13.83 -10.73 6.26
C LEU A 56 -14.97 -10.34 5.32
N ASN A 57 -15.21 -11.14 4.28
N ASN A 57 -15.24 -11.14 4.29
CA ASN A 57 -16.29 -10.89 3.32
CA ASN A 57 -16.35 -10.87 3.37
C ASN A 57 -16.28 -9.44 2.88
C ASN A 57 -16.30 -9.42 2.88
N SER A 58 -15.10 -8.95 2.53
CA SER A 58 -14.86 -7.52 2.36
C SER A 58 -14.33 -7.17 0.98
N PRO A 59 -14.78 -6.07 0.40
CA PRO A 59 -14.21 -5.58 -0.86
C PRO A 59 -12.92 -4.79 -0.70
N VAL A 60 -12.41 -4.60 0.52
CA VAL A 60 -11.25 -3.75 0.75
C VAL A 60 -10.20 -4.40 1.63
N GLU A 61 -10.37 -5.66 2.06
CA GLU A 61 -9.35 -6.34 2.83
C GLU A 61 -9.70 -7.83 2.87
N PHE A 62 -8.74 -8.64 3.30
CA PHE A 62 -8.96 -10.07 3.36
C PHE A 62 -8.27 -10.69 4.57
N GLU A 63 -8.81 -11.82 4.99
CA GLU A 63 -8.21 -12.69 5.98
C GLU A 63 -8.71 -14.10 5.70
N MET A 64 -7.79 -15.06 5.63
CA MET A 64 -8.18 -16.43 5.34
C MET A 64 -8.92 -17.05 6.50
N ASP A 65 -10.00 -17.76 6.19
CA ASP A 65 -10.68 -18.57 7.19
C ASP A 65 -9.67 -19.57 7.77
N PRO A 66 -9.43 -19.59 9.08
CA PRO A 66 -8.42 -20.51 9.61
C PRO A 66 -8.72 -21.97 9.34
N GLU A 67 -9.98 -22.39 9.55
CA GLU A 67 -10.38 -23.77 9.29
C GLU A 67 -9.90 -24.23 7.91
N GLU A 68 -10.28 -23.48 6.87
CA GLU A 68 -9.94 -23.87 5.51
C GLU A 68 -8.44 -23.75 5.25
N MET A 69 -7.81 -22.72 5.82
CA MET A 69 -6.37 -22.52 5.63
C MET A 69 -5.59 -23.75 6.09
N LEU A 70 -5.90 -24.26 7.28
CA LEU A 70 -5.21 -25.43 7.80
C LEU A 70 -5.42 -26.63 6.90
N LYS A 71 -6.67 -26.89 6.50
CA LYS A 71 -6.94 -28.04 5.65
C LYS A 71 -6.17 -27.94 4.33
N ALA A 72 -6.10 -26.74 3.75
CA ALA A 72 -5.41 -26.56 2.49
C ALA A 72 -3.94 -26.91 2.61
N LEU A 73 -3.31 -26.54 3.72
CA LEU A 73 -1.90 -26.82 3.91
C LEU A 73 -1.65 -28.32 4.11
N GLU A 74 -2.55 -29.02 4.80
CA GLU A 74 -2.35 -30.45 4.97
C GLU A 74 -2.63 -31.19 3.66
N GLU A 75 -3.61 -30.72 2.88
CA GLU A 75 -3.80 -31.26 1.54
C GLU A 75 -2.54 -31.08 0.69
N ALA A 76 -1.95 -29.89 0.73
CA ALA A 76 -0.72 -29.65 -0.03
C ALA A 76 0.38 -30.58 0.42
N GLU A 77 0.54 -30.75 1.73
CA GLU A 77 1.55 -31.67 2.24
C GLU A 77 1.32 -33.09 1.72
N GLN A 78 0.06 -33.54 1.67
CA GLN A 78 -0.23 -34.86 1.17
C GLN A 78 0.19 -35.05 -0.27
N GLU A 79 0.40 -33.96 -1.01
CA GLU A 79 0.79 -34.01 -2.42
C GLU A 79 2.24 -33.58 -2.63
N ASN A 80 3.04 -33.49 -1.58
CA ASN A 80 4.44 -33.14 -1.69
C ASN A 80 4.63 -31.74 -2.30
N LEU A 81 3.71 -30.83 -2.03
CA LEU A 81 3.78 -29.47 -2.52
C LEU A 81 4.10 -28.51 -1.38
N GLU A 82 4.75 -27.41 -1.73
CA GLU A 82 5.10 -26.37 -0.77
C GLU A 82 4.36 -25.08 -1.11
N VAL A 83 4.33 -24.17 -0.15
CA VAL A 83 3.73 -22.86 -0.38
C VAL A 83 4.71 -22.01 -1.19
N VAL A 84 4.36 -21.75 -2.44
CA VAL A 84 5.15 -20.86 -3.28
C VAL A 84 4.73 -19.41 -3.05
N GLY A 85 3.45 -19.19 -2.81
CA GLY A 85 2.97 -17.83 -2.64
C GLY A 85 1.59 -17.79 -2.05
N ILE A 86 1.19 -16.57 -1.71
CA ILE A 86 -0.17 -16.23 -1.36
C ILE A 86 -0.69 -15.31 -2.46
N PHE A 87 -1.92 -15.55 -2.91
CA PHE A 87 -2.53 -14.64 -3.87
C PHE A 87 -3.80 -14.02 -3.28
N HIS A 88 -4.07 -12.80 -3.68
CA HIS A 88 -5.33 -12.16 -3.35
C HIS A 88 -5.59 -11.05 -4.35
N SER A 89 -6.79 -10.48 -4.27
CA SER A 89 -7.21 -9.44 -5.19
C SER A 89 -7.48 -8.14 -4.45
N HIS A 90 -7.32 -7.04 -5.18
CA HIS A 90 -7.87 -5.75 -4.84
C HIS A 90 -8.98 -5.41 -5.82
N ILE A 91 -9.95 -4.63 -5.36
CA ILE A 91 -11.04 -4.17 -6.21
C ILE A 91 -10.87 -2.68 -6.42
N ALA A 92 -10.65 -2.29 -7.68
CA ALA A 92 -10.58 -0.88 -8.07
C ALA A 92 -9.40 -0.16 -7.43
N CYS A 93 -8.34 -0.90 -7.13
CA CYS A 93 -7.09 -0.29 -6.71
CA CYS A 93 -7.08 -0.38 -6.58
C CYS A 93 -5.95 -1.09 -7.31
N PRO A 94 -4.77 -0.48 -7.41
CA PRO A 94 -3.63 -1.15 -8.06
C PRO A 94 -3.21 -2.40 -7.31
N PRO A 95 -2.59 -3.37 -8.00
CA PRO A 95 -2.17 -4.61 -7.33
C PRO A 95 -0.84 -4.44 -6.60
N ILE A 96 -0.85 -3.55 -5.61
CA ILE A 96 0.35 -3.14 -4.87
C ILE A 96 0.06 -3.37 -3.38
N PRO A 97 1.04 -3.80 -2.58
CA PRO A 97 0.71 -4.16 -1.19
C PRO A 97 0.13 -3.00 -0.39
N SER A 98 -0.97 -3.26 0.29
CA SER A 98 -1.52 -2.37 1.30
C SER A 98 -0.65 -2.44 2.55
N GLY A 99 -0.97 -1.58 3.52
CA GLY A 99 -0.28 -1.65 4.80
C GLY A 99 -0.53 -2.96 5.52
N LYS A 100 -1.78 -3.44 5.48
CA LYS A 100 -2.11 -4.73 6.06
C LYS A 100 -1.37 -5.84 5.34
N ASP A 101 -1.26 -5.74 4.01
CA ASP A 101 -0.54 -6.76 3.26
C ASP A 101 0.90 -6.85 3.73
N LEU A 102 1.54 -5.71 3.98
CA LEU A 102 2.93 -5.72 4.43
C LEU A 102 3.06 -6.47 5.75
N GLU A 103 2.16 -6.23 6.69
CA GLU A 103 2.17 -7.00 7.93
C GLU A 103 2.11 -8.49 7.63
N GLY A 104 1.25 -8.89 6.69
CA GLY A 104 1.12 -10.29 6.34
C GLY A 104 2.35 -10.83 5.66
N MET A 105 3.02 -10.00 4.86
CA MET A 105 4.22 -10.44 4.15
C MET A 105 5.36 -10.72 5.11
N LYS A 106 5.40 -10.01 6.25
CA LYS A 106 6.41 -10.30 7.26
C LYS A 106 6.11 -11.60 8.00
N ARG A 107 4.83 -11.94 8.17
CA ARG A 107 4.46 -13.20 8.81
C ARG A 107 4.59 -14.38 7.86
N TRP A 108 4.35 -14.17 6.56
CA TRP A 108 4.41 -15.20 5.53
C TRP A 108 5.41 -14.78 4.47
N PRO A 109 6.70 -14.96 4.74
CA PRO A 109 7.73 -14.51 3.79
C PRO A 109 7.81 -15.40 2.56
N VAL A 110 6.76 -15.36 1.75
CA VAL A 110 6.70 -16.04 0.46
C VAL A 110 6.32 -14.98 -0.59
N ILE A 111 6.14 -15.43 -1.83
CA ILE A 111 5.72 -14.51 -2.88
C ILE A 111 4.25 -14.15 -2.69
N TRP A 112 3.94 -12.85 -2.76
CA TRP A 112 2.57 -12.36 -2.70
C TRP A 112 2.16 -11.90 -4.10
N LEU A 113 1.27 -12.66 -4.72
CA LEU A 113 0.67 -12.30 -6.00
C LEU A 113 -0.60 -11.49 -5.74
N ILE A 114 -0.69 -10.31 -6.34
CA ILE A 114 -1.85 -9.46 -6.19
C ILE A 114 -2.43 -9.19 -7.57
N VAL A 115 -3.74 -9.29 -7.69
CA VAL A 115 -4.45 -9.04 -8.94
C VAL A 115 -5.62 -8.11 -8.65
N ASN A 116 -6.24 -7.57 -9.71
CA ASN A 116 -7.46 -6.80 -9.53
C ASN A 116 -8.43 -7.13 -10.66
N GLU A 117 -9.59 -6.48 -10.60
CA GLU A 117 -10.69 -6.75 -11.52
C GLU A 117 -10.47 -6.12 -12.89
N LYS A 118 -9.40 -5.36 -13.06
CA LYS A 118 -9.00 -4.85 -14.37
C LYS A 118 -8.04 -5.78 -15.08
N GLY A 119 -7.81 -6.98 -14.54
CA GLY A 119 -6.91 -7.93 -15.15
C GLY A 119 -5.45 -7.65 -14.92
N GLU A 120 -5.12 -6.74 -14.00
CA GLU A 120 -3.74 -6.43 -13.69
C GLU A 120 -3.21 -7.41 -12.65
N TYR A 121 -1.91 -7.69 -12.72
CA TYR A 121 -1.30 -8.63 -11.79
C TYR A 121 0.15 -8.26 -11.58
N LYS A 122 0.55 -8.24 -10.30
CA LYS A 122 1.92 -8.00 -9.90
C LYS A 122 2.24 -8.89 -8.71
N ALA A 123 3.53 -9.19 -8.53
CA ALA A 123 3.99 -10.05 -7.46
C ALA A 123 5.08 -9.34 -6.66
N TRP A 124 5.16 -9.69 -5.37
CA TRP A 124 5.95 -8.94 -4.41
C TRP A 124 6.57 -9.88 -3.39
N ILE A 125 7.75 -9.49 -2.91
CA ILE A 125 8.42 -10.20 -1.84
C ILE A 125 9.11 -9.17 -0.96
N LEU A 126 9.54 -9.59 0.22
CA LEU A 126 10.36 -8.74 1.07
C LEU A 126 11.83 -9.10 0.85
N SER A 127 12.64 -8.07 0.63
CA SER A 127 14.05 -8.24 0.31
C SER A 127 14.82 -8.74 1.53
N GLU A 128 16.13 -8.84 1.36
CA GLU A 128 17.03 -9.18 2.47
C GLU A 128 17.07 -8.07 3.51
N LYS A 129 16.65 -6.86 3.15
CA LYS A 129 16.46 -5.78 4.11
C LYS A 129 15.01 -5.67 4.53
N ASN A 130 14.19 -6.66 4.18
CA ASN A 130 12.79 -6.72 4.59
C ASN A 130 11.97 -5.59 4.00
N LYS A 131 12.36 -5.13 2.80
CA LYS A 131 11.65 -4.09 2.06
C LYS A 131 10.87 -4.70 0.91
N ILE A 132 9.74 -4.06 0.59
CA ILE A 132 8.90 -4.50 -0.51
C ILE A 132 9.68 -4.41 -1.81
N SER A 133 9.70 -5.50 -2.56
CA SER A 133 10.41 -5.57 -3.82
CA SER A 133 10.43 -5.58 -3.82
C SER A 133 9.56 -6.35 -4.81
N GLU A 134 9.52 -5.87 -6.05
CA GLU A 134 8.66 -6.48 -7.05
C GLU A 134 9.33 -7.73 -7.61
N VAL A 135 8.50 -8.72 -7.91
CA VAL A 135 8.91 -10.02 -8.45
C VAL A 135 8.39 -10.11 -9.88
N LYS A 136 9.26 -10.53 -10.80
CA LYS A 136 8.86 -10.71 -12.19
C LYS A 136 7.93 -11.92 -12.30
N ILE A 137 6.82 -11.76 -13.00
CA ILE A 137 5.89 -12.86 -13.25
C ILE A 137 6.11 -13.34 -14.66
N VAL A 138 6.33 -14.65 -14.80
CA VAL A 138 6.44 -15.32 -16.08
C VAL A 138 5.20 -16.20 -16.23
N VAL A 139 4.38 -15.88 -17.23
CA VAL A 139 3.17 -16.62 -17.55
C VAL A 139 3.54 -17.60 -18.65
N GLU A 140 3.36 -18.89 -18.40
CA GLU A 140 3.77 -19.87 -19.41
C GLU A 140 2.73 -20.95 -19.71
N SER B 12 -3.13 11.68 19.89
CA SER B 12 -2.49 12.45 18.83
C SER B 12 -3.52 13.20 17.98
N THR B 13 -3.26 14.48 17.75
CA THR B 13 -4.08 15.29 16.86
C THR B 13 -3.15 16.12 15.99
N LEU B 14 -3.66 16.47 14.81
CA LEU B 14 -2.96 17.36 13.89
C LEU B 14 -3.85 18.59 13.69
N ILE B 15 -3.30 19.76 13.99
CA ILE B 15 -4.03 21.01 13.90
C ILE B 15 -3.58 21.73 12.63
N ILE B 16 -4.51 21.92 11.70
CA ILE B 16 -4.15 22.51 10.41
C ILE B 16 -5.18 23.58 10.06
N PRO B 17 -4.75 24.76 9.60
CA PRO B 17 -5.72 25.78 9.19
C PRO B 17 -6.54 25.32 7.99
N GLN B 18 -7.83 25.65 8.02
CA GLN B 18 -8.73 25.27 6.94
C GLN B 18 -8.17 25.69 5.58
N HIS B 19 -7.66 26.90 5.47
CA HIS B 19 -7.24 27.39 4.15
C HIS B 19 -6.02 26.63 3.63
N TYR B 20 -5.15 26.14 4.52
CA TYR B 20 -4.03 25.31 4.08
C TYR B 20 -4.51 23.94 3.60
N LEU B 21 -5.43 23.32 4.32
CA LEU B 21 -5.93 22.02 3.89
C LEU B 21 -6.68 22.15 2.57
N ARG B 22 -7.48 23.20 2.42
CA ARG B 22 -8.18 23.42 1.16
C ARG B 22 -7.22 23.64 0.01
N ALA B 23 -6.11 24.34 0.27
CA ALA B 23 -5.12 24.56 -0.77
C ALA B 23 -4.49 23.25 -1.22
N ILE B 24 -4.17 22.37 -0.26
CA ILE B 24 -3.65 21.05 -0.62
C ILE B 24 -4.66 20.29 -1.45
N LEU B 25 -5.91 20.24 -0.98
CA LEU B 25 -6.92 19.47 -1.69
C LEU B 25 -7.11 20.02 -3.11
N LYS B 26 -7.03 21.34 -3.27
CA LYS B 26 -7.20 21.93 -4.60
C LYS B 26 -6.08 21.50 -5.54
N VAL B 27 -4.84 21.51 -5.08
CA VAL B 27 -3.75 21.03 -5.92
C VAL B 27 -3.98 19.57 -6.28
N VAL B 28 -4.37 18.76 -5.30
CA VAL B 28 -4.56 17.33 -5.54
C VAL B 28 -5.67 17.10 -6.56
N SER B 29 -6.73 17.90 -6.49
CA SER B 29 -7.85 17.70 -7.40
C SER B 29 -7.45 17.90 -8.86
N SER B 30 -6.35 18.59 -9.12
CA SER B 30 -5.91 18.90 -10.47
C SER B 30 -4.71 18.08 -10.92
N SER B 31 -4.22 17.15 -10.10
CA SER B 31 -2.98 16.46 -10.38
C SER B 31 -3.24 15.04 -10.86
N SER B 32 -2.54 14.63 -11.90
CA SER B 32 -2.61 13.27 -12.41
C SER B 32 -1.59 12.35 -11.75
N VAL B 33 -0.73 12.88 -10.87
CA VAL B 33 0.26 12.09 -10.16
C VAL B 33 0.13 12.39 -8.67
N GLU B 34 0.73 11.52 -7.85
CA GLU B 34 0.74 11.75 -6.42
C GLU B 34 1.47 13.06 -6.12
N VAL B 35 0.89 13.84 -5.21
CA VAL B 35 1.47 15.08 -4.75
C VAL B 35 2.10 14.82 -3.39
N CYS B 36 3.07 15.64 -3.00
CA CYS B 36 3.74 15.42 -1.72
C CYS B 36 4.39 16.72 -1.24
N GLY B 37 4.62 16.78 0.06
CA GLY B 37 5.33 17.92 0.61
C GLY B 37 5.43 17.85 2.13
N PHE B 38 5.82 18.98 2.71
CA PHE B 38 6.03 19.10 4.14
C PHE B 38 4.95 19.97 4.77
N LEU B 39 4.55 19.60 5.97
CA LEU B 39 3.81 20.45 6.89
C LEU B 39 4.81 20.96 7.91
N PHE B 40 5.13 22.25 7.85
CA PHE B 40 6.05 22.84 8.81
C PHE B 40 5.27 23.54 9.90
N GLY B 41 5.84 23.58 11.09
CA GLY B 41 5.21 24.30 12.18
C GLY B 41 5.92 24.03 13.50
N LYS B 42 5.14 23.90 14.57
CA LYS B 42 5.67 23.63 15.90
C LYS B 42 4.69 22.71 16.60
N GLU B 43 5.21 21.79 17.41
CA GLU B 43 4.37 20.83 18.14
C GLU B 43 3.53 20.11 17.08
N ASN B 44 2.21 20.10 17.21
CA ASN B 44 1.34 19.45 16.24
C ASN B 44 0.57 20.45 15.40
N ARG B 45 1.06 21.68 15.31
CA ARG B 45 0.32 22.74 14.62
C ARG B 45 1.03 23.10 13.33
N VAL B 46 0.26 23.08 12.24
CA VAL B 46 0.76 23.41 10.91
C VAL B 46 0.78 24.93 10.77
N LEU B 47 1.95 25.48 10.44
CA LEU B 47 2.09 26.92 10.23
C LEU B 47 2.45 27.28 8.80
N LYS B 48 2.95 26.32 8.02
CA LYS B 48 3.41 26.55 6.67
C LYS B 48 3.30 25.23 5.91
N VAL B 49 2.88 25.31 4.65
CA VAL B 49 2.81 24.15 3.76
C VAL B 49 3.81 24.35 2.63
N ARG B 50 4.56 23.30 2.32
CA ARG B 50 5.61 23.35 1.31
C ARG B 50 5.42 22.15 0.38
N PHE B 51 4.98 22.40 -0.85
CA PHE B 51 4.93 21.32 -1.83
C PHE B 51 6.34 21.01 -2.31
N ILE B 52 6.60 19.72 -2.55
CA ILE B 52 7.88 19.24 -3.05
C ILE B 52 7.59 18.37 -4.28
N ARG B 53 8.39 18.55 -5.32
CA ARG B 53 8.16 17.81 -6.55
C ARG B 53 8.28 16.31 -6.32
N ASN B 54 7.34 15.56 -6.89
CA ASN B 54 7.36 14.09 -6.87
C ASN B 54 8.25 13.64 -8.01
N ARG B 55 9.50 13.25 -7.69
CA ARG B 55 10.45 12.89 -8.73
C ARG B 55 10.08 11.60 -9.43
N LEU B 56 9.10 10.84 -8.94
CA LEU B 56 8.67 9.62 -9.63
C LEU B 56 7.60 9.89 -10.68
N ASN B 57 7.02 11.09 -10.70
CA ASN B 57 6.02 11.47 -11.69
C ASN B 57 4.98 10.36 -11.87
N SER B 58 4.45 9.85 -10.75
CA SER B 58 3.69 8.61 -10.79
C SER B 58 2.34 8.77 -10.10
N PRO B 59 1.29 8.14 -10.63
CA PRO B 59 -0.01 8.16 -9.96
C PRO B 59 -0.17 7.11 -8.86
N VAL B 60 0.85 6.33 -8.54
CA VAL B 60 0.74 5.28 -7.52
C VAL B 60 1.88 5.29 -6.51
N GLU B 61 2.82 6.24 -6.61
CA GLU B 61 3.85 6.36 -5.58
C GLU B 61 4.48 7.74 -5.66
N PHE B 62 5.25 8.09 -4.63
CA PHE B 62 5.95 9.37 -4.61
C PHE B 62 7.30 9.20 -3.94
N GLU B 63 8.21 10.10 -4.32
CA GLU B 63 9.53 10.27 -3.74
C GLU B 63 9.87 11.74 -3.90
N MET B 64 10.25 12.42 -2.82
CA MET B 64 10.58 13.83 -2.93
C MET B 64 11.88 14.04 -3.69
N ASP B 65 11.86 15.03 -4.59
CA ASP B 65 13.10 15.49 -5.20
C ASP B 65 14.10 15.86 -4.10
N PRO B 66 15.27 15.22 -4.05
CA PRO B 66 16.13 15.42 -2.87
C PRO B 66 16.70 16.83 -2.76
N GLU B 67 17.04 17.46 -3.90
CA GLU B 67 17.56 18.82 -3.82
C GLU B 67 16.49 19.80 -3.34
N GLU B 68 15.26 19.66 -3.83
CA GLU B 68 14.18 20.52 -3.35
C GLU B 68 13.84 20.21 -1.89
N MET B 69 13.92 18.95 -1.50
CA MET B 69 13.70 18.58 -0.10
C MET B 69 14.69 19.27 0.80
N LEU B 70 15.98 19.22 0.46
CA LEU B 70 16.99 19.83 1.32
C LEU B 70 16.82 21.34 1.38
N LYS B 71 16.47 21.95 0.26
CA LYS B 71 16.24 23.39 0.23
C LYS B 71 15.09 23.79 1.14
N ALA B 72 13.99 23.04 1.10
CA ALA B 72 12.85 23.33 1.96
C ALA B 72 13.21 23.19 3.44
N LEU B 73 13.98 22.14 3.77
CA LEU B 73 14.38 21.92 5.16
C LEU B 73 15.31 23.04 5.64
N GLU B 74 16.24 23.46 4.79
CA GLU B 74 17.09 24.60 5.13
C GLU B 74 16.25 25.84 5.40
N GLU B 75 15.26 26.11 4.56
CA GLU B 75 14.44 27.31 4.71
C GLU B 75 13.61 27.26 5.98
N ALA B 76 13.07 26.09 6.33
CA ALA B 76 12.33 25.96 7.57
C ALA B 76 13.22 26.18 8.78
N GLU B 77 14.45 25.64 8.74
CA GLU B 77 15.39 25.84 9.83
C GLU B 77 15.71 27.31 10.01
N GLN B 78 15.96 28.04 8.91
CA GLN B 78 16.19 29.47 9.02
C GLN B 78 15.04 30.17 9.74
N GLU B 79 13.82 29.68 9.55
CA GLU B 79 12.63 30.28 10.13
C GLU B 79 12.27 29.68 11.48
N ASN B 80 13.12 28.84 12.04
CA ASN B 80 12.86 28.21 13.34
C ASN B 80 11.59 27.37 13.32
N LEU B 81 11.31 26.72 12.19
CA LEU B 81 10.20 25.80 12.08
C LEU B 81 10.72 24.37 12.09
N GLU B 82 9.84 23.44 12.46
CA GLU B 82 10.19 22.03 12.40
C GLU B 82 9.21 21.30 11.49
N VAL B 83 9.55 20.07 11.16
CA VAL B 83 8.69 19.22 10.34
C VAL B 83 7.61 18.63 11.25
N VAL B 84 6.39 19.15 11.13
CA VAL B 84 5.26 18.56 11.85
C VAL B 84 4.77 17.33 11.13
N GLY B 85 4.88 17.31 9.81
CA GLY B 85 4.35 16.17 9.08
C GLY B 85 4.81 16.14 7.64
N ILE B 86 4.54 15.01 7.03
CA ILE B 86 4.67 14.81 5.59
C ILE B 86 3.25 14.61 5.06
N PHE B 87 2.91 15.29 3.99
CA PHE B 87 1.64 15.05 3.33
C PHE B 87 1.86 14.51 1.93
N HIS B 88 0.94 13.67 1.48
CA HIS B 88 0.93 13.22 0.08
C HIS B 88 -0.48 12.78 -0.26
N SER B 89 -0.71 12.57 -1.55
CA SER B 89 -2.01 12.19 -2.04
C SER B 89 -1.99 10.80 -2.65
N HIS B 90 -3.16 10.19 -2.63
CA HIS B 90 -3.50 9.01 -3.43
C HIS B 90 -4.49 9.41 -4.50
N ILE B 91 -4.43 8.73 -5.62
CA ILE B 91 -5.42 8.89 -6.68
C ILE B 91 -6.41 7.75 -6.56
N ALA B 92 -7.66 8.10 -6.24
CA ALA B 92 -8.78 7.16 -6.17
C ALA B 92 -8.83 6.39 -4.85
N CYS B 93 -7.71 5.83 -4.40
CA CYS B 93 -7.81 4.93 -3.28
CA CYS B 93 -7.65 4.94 -3.25
C CYS B 93 -7.87 5.72 -1.96
N PRO B 94 -8.24 5.05 -0.88
CA PRO B 94 -8.50 5.76 0.39
C PRO B 94 -7.22 6.34 0.97
N PRO B 95 -7.35 7.35 1.87
CA PRO B 95 -6.17 8.00 2.48
C PRO B 95 -5.59 7.20 3.63
N ILE B 96 -5.22 5.95 3.35
CA ILE B 96 -4.67 5.02 4.33
C ILE B 96 -3.27 4.63 3.86
N PRO B 97 -2.28 4.49 4.74
CA PRO B 97 -0.92 4.18 4.27
C PRO B 97 -0.86 2.87 3.49
N SER B 98 -0.19 2.92 2.34
CA SER B 98 0.21 1.72 1.62
C SER B 98 1.34 1.02 2.37
N GLY B 99 1.72 -0.17 1.88
CA GLY B 99 2.89 -0.82 2.45
C GLY B 99 4.15 0.04 2.31
N LYS B 100 4.35 0.62 1.13
CA LYS B 100 5.50 1.49 0.92
C LYS B 100 5.40 2.75 1.78
N ASP B 101 4.18 3.24 2.03
CA ASP B 101 4.00 4.37 2.94
C ASP B 101 4.47 4.02 4.35
N LEU B 102 4.14 2.81 4.84
CA LEU B 102 4.58 2.39 6.17
C LEU B 102 6.10 2.32 6.25
N GLU B 103 6.76 1.90 5.16
CA GLU B 103 8.22 1.93 5.14
C GLU B 103 8.73 3.35 5.28
N GLY B 104 8.07 4.31 4.61
CA GLY B 104 8.47 5.69 4.72
C GLY B 104 8.19 6.30 6.08
N MET B 105 7.12 5.84 6.74
CA MET B 105 6.81 6.33 8.08
C MET B 105 7.85 5.88 9.09
N LYS B 106 8.44 4.71 8.87
CA LYS B 106 9.56 4.26 9.70
C LYS B 106 10.80 5.11 9.50
N ARG B 107 11.03 5.59 8.28
CA ARG B 107 12.18 6.45 7.99
C ARG B 107 11.96 7.87 8.50
N TRP B 108 10.73 8.37 8.40
CA TRP B 108 10.36 9.73 8.80
C TRP B 108 9.20 9.66 9.78
N PRO B 109 9.46 9.34 11.08
CA PRO B 109 8.35 9.09 12.01
C PRO B 109 7.71 10.37 12.54
N VAL B 110 7.17 11.16 11.61
CA VAL B 110 6.35 12.32 11.95
C VAL B 110 4.91 11.98 11.56
N ILE B 111 4.01 12.95 11.68
CA ILE B 111 2.64 12.75 11.25
C ILE B 111 2.59 12.67 9.73
N TRP B 112 1.93 11.65 9.20
CA TRP B 112 1.71 11.53 7.76
C TRP B 112 0.26 11.86 7.45
N LEU B 113 0.06 12.96 6.73
CA LEU B 113 -1.26 13.35 6.25
C LEU B 113 -1.45 12.80 4.84
N ILE B 114 -2.53 12.07 4.62
CA ILE B 114 -2.83 11.51 3.31
C ILE B 114 -4.17 12.05 2.86
N VAL B 115 -4.24 12.50 1.59
CA VAL B 115 -5.46 13.04 1.02
C VAL B 115 -5.70 12.37 -0.33
N ASN B 116 -6.88 12.58 -0.90
CA ASN B 116 -7.10 12.13 -2.27
C ASN B 116 -7.99 13.14 -2.99
N GLU B 117 -8.18 12.90 -4.29
CA GLU B 117 -8.89 13.84 -5.15
C GLU B 117 -10.38 13.90 -4.86
N LYS B 118 -10.91 13.01 -4.02
CA LYS B 118 -12.29 13.08 -3.60
C LYS B 118 -12.47 13.93 -2.34
N GLY B 119 -11.41 14.58 -1.88
CA GLY B 119 -11.48 15.41 -0.70
C GLY B 119 -11.39 14.66 0.61
N GLU B 120 -11.04 13.39 0.59
CA GLU B 120 -10.90 12.61 1.81
C GLU B 120 -9.54 12.88 2.41
N TYR B 121 -9.47 12.94 3.74
CA TYR B 121 -8.19 13.15 4.40
C TYR B 121 -8.16 12.42 5.73
N LYS B 122 -7.01 11.80 6.01
CA LYS B 122 -6.75 11.12 7.27
C LYS B 122 -5.27 11.29 7.58
N ALA B 123 -4.92 11.17 8.85
CA ALA B 123 -3.55 11.32 9.30
C ALA B 123 -3.14 10.12 10.13
N TRP B 124 -1.83 9.86 10.16
CA TRP B 124 -1.28 8.63 10.71
C TRP B 124 0.07 8.92 11.34
N ILE B 125 0.43 8.11 12.33
CA ILE B 125 1.75 8.21 12.95
C ILE B 125 2.19 6.84 13.43
N LEU B 126 3.50 6.63 13.45
CA LEU B 126 4.07 5.41 13.99
C LEU B 126 4.22 5.52 15.51
N ASN B 130 6.36 -0.16 16.24
CA ASN B 130 5.71 -0.93 15.17
C ASN B 130 4.19 -0.81 15.24
N LYS B 131 3.69 0.24 15.88
CA LYS B 131 2.26 0.47 16.02
C LYS B 131 1.87 1.70 15.21
N ILE B 132 0.87 1.55 14.34
CA ILE B 132 0.33 2.63 13.53
C ILE B 132 -1.00 3.05 14.13
N SER B 133 -1.14 4.33 14.44
CA SER B 133 -2.38 4.87 14.97
C SER B 133 -2.84 6.05 14.12
N GLU B 134 -4.16 6.18 13.98
CA GLU B 134 -4.73 7.31 13.27
C GLU B 134 -4.63 8.56 14.14
N VAL B 135 -4.33 9.68 13.49
CA VAL B 135 -4.22 10.98 14.14
C VAL B 135 -5.47 11.78 13.81
N LYS B 136 -6.10 12.34 14.83
CA LYS B 136 -7.29 13.15 14.63
C LYS B 136 -6.90 14.50 14.05
N ILE B 137 -7.54 14.87 12.94
CA ILE B 137 -7.25 16.13 12.27
C ILE B 137 -8.23 17.19 12.78
N VAL B 138 -7.69 18.26 13.35
CA VAL B 138 -8.47 19.38 13.85
C VAL B 138 -8.26 20.53 12.88
N VAL B 139 -9.33 20.93 12.19
CA VAL B 139 -9.25 21.96 11.16
C VAL B 139 -9.68 23.28 11.78
N GLU B 140 -8.91 24.34 11.53
CA GLU B 140 -9.13 25.64 12.17
C GLU B 140 -9.34 26.79 11.19
#